data_7D8Q
#
_entry.id   7D8Q
#
_cell.length_a   48.659
_cell.length_b   36.124
_cell.length_c   58.924
_cell.angle_alpha   90.000
_cell.angle_beta   111.460
_cell.angle_gamma   90.000
#
_symmetry.space_group_name_H-M   'P 1 21 1'
#
loop_
_entity.id
_entity.type
_entity.pdbx_description
1 polymer 'UPF0374 protein SAB1800c'
2 non-polymer '[(2R,3R,4S,5S)-5-(2-azanyl-6-oxidanyl-purin-9-yl)-3,4-bis(oxidanyl)oxolan-2-yl]methyl bis(oxidanyl)phosphinothioyl hydrogen phosphate'
3 non-polymer 'MAGNESIUM ION'
4 water water
#
_entity_poly.entity_id   1
_entity_poly.type   'polypeptide(L)'
_entity_poly.pdbx_seq_one_letter_code
;MVRESIPKEGENIKIQSYKHDGKIHRVWSETTILKGTDHVVIGGNDHTLVTESDGRTWITREPAIVYFHSEYWFNVICMF
REDGIYYYCNLSSPFVCDEEALKYIDYDLDIKVYPNGKYHLLDEDEYEQHMNQMNYPHDIDIILRRNVDILQQWIEQKKG
PFAPDFIKVWKERYKKIRQY
;
_entity_poly.pdbx_strand_id   A
#
# COMPACT_ATOMS: atom_id res chain seq x y z
N SER A 5 10.35 3.19 16.29
CA SER A 5 9.33 3.52 15.25
C SER A 5 9.48 2.58 14.03
N ILE A 6 10.67 2.11 13.69
CA ILE A 6 10.89 1.01 12.68
C ILE A 6 10.36 -0.30 13.27
N PRO A 7 9.31 -0.92 12.69
CA PRO A 7 8.75 -2.14 13.26
C PRO A 7 9.71 -3.32 13.11
N LYS A 8 9.58 -4.29 14.00
CA LYS A 8 10.51 -5.44 14.10
C LYS A 8 9.97 -6.62 13.31
N GLU A 9 10.85 -7.39 12.68
CA GLU A 9 10.47 -8.68 12.08
C GLU A 9 9.67 -9.53 13.11
N GLY A 10 8.53 -10.07 12.71
CA GLY A 10 7.66 -10.93 13.55
C GLY A 10 6.59 -10.19 14.31
N GLU A 11 6.72 -8.87 14.38
CA GLU A 11 5.67 -7.97 14.96
C GLU A 11 4.39 -8.05 14.13
N ASN A 12 3.21 -8.10 14.75
CA ASN A 12 1.92 -7.94 14.06
C ASN A 12 1.55 -6.47 14.29
N ILE A 13 1.42 -5.70 13.23
CA ILE A 13 1.00 -4.27 13.34
C ILE A 13 -0.33 -4.03 12.64
N LYS A 14 -0.92 -2.93 13.05
CA LYS A 14 -2.09 -2.31 12.40
C LYS A 14 -1.56 -1.32 11.35
N ILE A 15 -2.32 -1.19 10.28
CA ILE A 15 -2.04 -0.19 9.20
C ILE A 15 -3.28 0.72 9.14
N GLN A 16 -3.08 2.00 9.22
CA GLN A 16 -4.17 3.01 9.20
C GLN A 16 -3.92 3.99 8.05
N SER A 17 -4.83 4.02 7.11
CA SER A 17 -4.97 4.95 5.95
C SER A 17 -5.90 6.11 6.32
N TYR A 18 -5.46 7.35 6.10
CA TYR A 18 -6.27 8.57 6.37
C TYR A 18 -6.53 9.32 5.08
N LYS A 19 -7.54 10.17 5.05
CA LYS A 19 -7.63 11.18 3.99
C LYS A 19 -6.88 12.46 4.43
N HIS A 20 -6.66 13.37 3.47
CA HIS A 20 -5.91 14.63 3.70
C HIS A 20 -6.54 15.49 4.80
N ASP A 21 -7.84 15.35 5.01
CA ASP A 21 -8.58 16.10 6.05
C ASP A 21 -8.48 15.45 7.43
N GLY A 22 -7.76 14.36 7.59
CA GLY A 22 -7.51 13.73 8.89
C GLY A 22 -8.44 12.61 9.24
N LYS A 23 -9.50 12.39 8.46
CA LYS A 23 -10.45 11.31 8.76
C LYS A 23 -9.81 9.97 8.36
N ILE A 24 -10.06 8.94 9.13
CA ILE A 24 -9.67 7.57 8.73
C ILE A 24 -10.40 7.18 7.46
N HIS A 25 -9.67 6.50 6.59
CA HIS A 25 -10.22 5.91 5.36
C HIS A 25 -10.35 4.39 5.50
N ARG A 26 -9.32 3.70 5.94
CA ARG A 26 -9.30 2.23 5.97
C ARG A 26 -8.25 1.77 6.97
N VAL A 27 -8.57 0.71 7.70
CA VAL A 27 -7.68 0.14 8.71
C VAL A 27 -7.57 -1.36 8.53
N TRP A 28 -6.35 -1.87 8.49
CA TRP A 28 -6.07 -3.32 8.46
C TRP A 28 -5.57 -3.73 9.84
N SER A 29 -6.29 -4.67 10.46
CA SER A 29 -6.01 -5.05 11.86
C SER A 29 -4.65 -5.73 12.05
N GLU A 30 -4.23 -6.61 11.13
CA GLU A 30 -3.09 -7.52 11.43
C GLU A 30 -2.23 -7.74 10.18
N THR A 31 -1.01 -7.29 10.26
CA THR A 31 0.05 -7.51 9.23
C THR A 31 1.34 -7.94 9.94
N THR A 32 1.89 -9.07 9.53
CA THR A 32 3.15 -9.55 10.11
C THR A 32 4.30 -8.90 9.38
N ILE A 33 5.18 -8.26 10.12
CA ILE A 33 6.39 -7.61 9.54
C ILE A 33 7.45 -8.64 9.09
N LEU A 34 7.86 -8.55 7.84
CA LEU A 34 8.91 -9.44 7.25
C LEU A 34 10.24 -8.72 7.16
N LYS A 35 10.22 -7.41 6.99
CA LYS A 35 11.42 -6.57 6.89
C LYS A 35 11.06 -5.20 7.40
N GLY A 36 11.89 -4.63 8.24
CA GLY A 36 11.72 -3.24 8.65
C GLY A 36 13.04 -2.51 8.66
N THR A 37 13.19 -1.51 7.79
CA THR A 37 14.38 -0.63 7.76
C THR A 37 13.95 0.84 7.84
N ASP A 38 14.95 1.71 7.80
CA ASP A 38 14.87 3.19 7.64
C ASP A 38 13.88 3.50 6.54
N HIS A 39 14.04 2.84 5.37
CA HIS A 39 13.39 3.29 4.12
C HIS A 39 12.22 2.38 3.75
N VAL A 40 12.23 1.12 4.17
CA VAL A 40 11.26 0.11 3.63
C VAL A 40 10.67 -0.74 4.74
N VAL A 41 9.37 -0.95 4.68
CA VAL A 41 8.63 -1.93 5.52
C VAL A 41 7.96 -2.92 4.58
N ILE A 42 8.23 -4.20 4.78
CA ILE A 42 7.52 -5.26 4.04
C ILE A 42 6.74 -6.09 5.06
N GLY A 43 5.50 -6.43 4.76
CA GLY A 43 4.64 -7.25 5.63
C GLY A 43 3.82 -8.22 4.84
N GLY A 44 3.18 -9.16 5.54
CA GLY A 44 2.21 -10.07 4.97
C GLY A 44 0.93 -10.05 5.79
N ASN A 45 -0.19 -10.16 5.12
CA ASN A 45 -1.46 -10.38 5.80
C ASN A 45 -2.29 -11.41 5.07
N ASP A 46 -3.22 -12.00 5.80
CA ASP A 46 -4.09 -13.08 5.29
C ASP A 46 -5.25 -13.22 6.28
N HIS A 47 -6.46 -13.05 5.79
CA HIS A 47 -7.68 -13.07 6.64
C HIS A 47 -7.50 -12.06 7.76
N THR A 48 -7.00 -10.87 7.42
CA THR A 48 -7.02 -9.72 8.35
C THR A 48 -8.41 -9.11 8.32
N LEU A 49 -8.82 -8.59 9.48
CA LEU A 49 -9.94 -7.64 9.54
C LEU A 49 -9.54 -6.34 8.83
N VAL A 50 -10.52 -5.77 8.18
CA VAL A 50 -10.40 -4.46 7.48
C VAL A 50 -11.60 -3.65 7.93
N THR A 51 -11.35 -2.42 8.34
CA THR A 51 -12.41 -1.51 8.78
C THR A 51 -12.52 -0.29 7.87
N GLU A 52 -13.74 0.00 7.46
CA GLU A 52 -14.04 1.14 6.58
C GLU A 52 -14.37 2.40 7.38
N SER A 53 -14.57 3.51 6.66
CA SER A 53 -14.79 4.81 7.33
C SER A 53 -16.17 4.89 7.99
N ASP A 54 -17.09 3.98 7.70
CA ASP A 54 -18.38 3.89 8.42
C ASP A 54 -18.32 2.87 9.58
N GLY A 55 -17.14 2.34 9.89
CA GLY A 55 -16.98 1.32 10.95
C GLY A 55 -17.15 -0.10 10.50
N ARG A 56 -17.75 -0.32 9.35
CA ARG A 56 -17.98 -1.71 8.89
C ARG A 56 -16.67 -2.48 8.75
N THR A 57 -16.68 -3.75 9.14
CA THR A 57 -15.55 -4.69 9.11
C THR A 57 -15.80 -5.76 8.07
N TRP A 58 -14.74 -6.08 7.33
CA TRP A 58 -14.75 -7.20 6.36
C TRP A 58 -13.43 -7.94 6.56
N ILE A 59 -13.28 -9.12 5.93
CA ILE A 59 -12.06 -9.94 6.17
C ILE A 59 -11.43 -10.21 4.79
N THR A 60 -10.12 -10.07 4.66
CA THR A 60 -9.46 -10.39 3.38
C THR A 60 -9.52 -11.91 3.19
N ARG A 61 -9.49 -12.34 1.94
CA ARG A 61 -9.76 -13.77 1.59
C ARG A 61 -8.49 -14.47 1.13
N GLU A 62 -7.42 -13.73 0.83
CA GLU A 62 -6.18 -14.36 0.29
C GLU A 62 -4.98 -13.64 0.87
N PRO A 63 -3.80 -14.29 0.90
CA PRO A 63 -2.60 -13.67 1.40
C PRO A 63 -2.21 -12.49 0.50
N ALA A 64 -1.52 -11.54 1.13
CA ALA A 64 -0.96 -10.35 0.44
C ALA A 64 0.39 -10.01 1.06
N ILE A 65 1.30 -9.52 0.23
CA ILE A 65 2.55 -8.87 0.71
C ILE A 65 2.36 -7.36 0.52
N VAL A 66 2.68 -6.58 1.53
CA VAL A 66 2.58 -5.10 1.45
C VAL A 66 3.97 -4.50 1.48
N TYR A 67 4.13 -3.43 0.72
CA TYR A 67 5.43 -2.73 0.56
C TYR A 67 5.22 -1.26 0.82
N PHE A 68 5.96 -0.68 1.77
CA PHE A 68 5.88 0.73 2.14
C PHE A 68 7.27 1.33 2.06
N HIS A 69 7.33 2.56 1.57
CA HIS A 69 8.59 3.32 1.36
C HIS A 69 8.53 4.67 2.08
N SER A 70 9.64 5.07 2.71
CA SER A 70 9.67 6.32 3.47
C SER A 70 9.89 7.50 2.51
N GLU A 71 10.36 7.29 1.27
CA GLU A 71 10.68 8.45 0.38
C GLU A 71 9.56 8.62 -0.65
N TYR A 72 9.06 7.51 -1.21
CA TYR A 72 8.14 7.53 -2.36
C TYR A 72 6.72 7.73 -1.83
N TRP A 73 5.98 8.46 -2.62
CA TRP A 73 4.56 8.73 -2.33
C TRP A 73 3.64 7.64 -2.93
N PHE A 74 3.92 6.41 -2.60
CA PHE A 74 3.02 5.29 -2.94
C PHE A 74 3.36 4.11 -2.05
N ASN A 75 2.42 3.20 -1.96
CA ASN A 75 2.65 1.88 -1.32
C ASN A 75 1.98 0.83 -2.18
N VAL A 76 2.36 -0.41 -2.04
CA VAL A 76 1.97 -1.47 -2.98
C VAL A 76 1.48 -2.68 -2.20
N ILE A 77 0.37 -3.24 -2.64
CA ILE A 77 -0.19 -4.51 -2.13
C ILE A 77 -0.07 -5.56 -3.23
N CYS A 78 0.60 -6.67 -2.95
CA CYS A 78 0.73 -7.80 -3.88
C CYS A 78 -0.23 -8.88 -3.41
N MET A 79 -1.26 -9.16 -4.21
CA MET A 79 -2.40 -10.03 -3.83
C MET A 79 -2.27 -11.37 -4.56
N PHE A 80 -2.32 -12.46 -3.80
CA PHE A 80 -2.15 -13.83 -4.35
C PHE A 80 -3.52 -14.42 -4.60
N ARG A 81 -4.10 -14.13 -5.76
CA ARG A 81 -5.48 -14.57 -6.16
C ARG A 81 -5.39 -15.91 -6.88
N GLU A 82 -6.52 -16.63 -6.90
CA GLU A 82 -6.60 -17.97 -7.52
C GLU A 82 -6.18 -17.86 -9.00
N ASP A 83 -6.44 -16.73 -9.64
CA ASP A 83 -6.18 -16.55 -11.10
C ASP A 83 -4.87 -15.78 -11.34
N GLY A 84 -4.05 -15.57 -10.31
CA GLY A 84 -2.66 -15.07 -10.42
C GLY A 84 -2.38 -13.94 -9.43
N ILE A 85 -1.20 -13.37 -9.56
CA ILE A 85 -0.68 -12.27 -8.71
C ILE A 85 -1.12 -10.92 -9.28
N TYR A 86 -1.90 -10.18 -8.50
CA TYR A 86 -2.35 -8.82 -8.83
C TYR A 86 -1.60 -7.86 -7.92
N TYR A 87 -1.37 -6.66 -8.41
CA TYR A 87 -0.90 -5.58 -7.51
C TYR A 87 -1.94 -4.49 -7.44
N TYR A 88 -2.03 -3.89 -6.29
CA TYR A 88 -2.88 -2.71 -6.06
C TYR A 88 -1.97 -1.66 -5.45
N CYS A 89 -1.80 -0.56 -6.12
CA CYS A 89 -0.80 0.49 -5.75
C CYS A 89 -1.51 1.76 -5.35
N ASN A 90 -1.31 2.21 -4.13
CA ASN A 90 -1.93 3.45 -3.63
C ASN A 90 -0.98 4.62 -3.79
N LEU A 91 -1.40 5.68 -4.44
CA LEU A 91 -0.68 6.98 -4.30
C LEU A 91 -1.00 7.51 -2.92
N SER A 92 0.03 7.97 -2.20
CA SER A 92 -0.06 8.16 -0.75
C SER A 92 1.05 9.08 -0.28
N SER A 93 0.88 9.62 0.92
CA SER A 93 2.09 10.14 1.60
C SER A 93 3.03 8.96 1.84
N PRO A 94 4.32 9.22 2.07
CA PRO A 94 5.13 8.17 2.67
C PRO A 94 4.57 7.81 4.04
N PHE A 95 5.04 6.70 4.57
CA PHE A 95 4.49 6.17 5.85
C PHE A 95 5.22 6.76 7.06
N VAL A 96 4.54 6.73 8.18
CA VAL A 96 5.20 6.84 9.52
C VAL A 96 4.69 5.69 10.35
N CYS A 97 5.54 5.20 11.24
N CYS A 97 5.50 5.19 11.26
CA CYS A 97 5.17 4.13 12.18
CA CYS A 97 5.09 4.03 12.10
C CYS A 97 5.22 4.65 13.61
C CYS A 97 5.32 4.35 13.58
N ASP A 98 4.29 4.18 14.42
CA ASP A 98 4.41 4.31 15.88
C ASP A 98 3.78 3.10 16.55
N GLU A 99 3.72 3.12 17.89
CA GLU A 99 3.17 1.96 18.64
C GLU A 99 1.73 1.67 18.26
N GLU A 100 0.98 2.64 17.71
CA GLU A 100 -0.42 2.38 17.36
C GLU A 100 -0.45 1.63 16.03
N ALA A 101 0.29 2.11 15.03
CA ALA A 101 0.07 1.65 13.64
C ALA A 101 1.16 2.21 12.72
N LEU A 102 1.30 1.57 11.56
CA LEU A 102 1.90 2.20 10.37
C LEU A 102 0.80 3.02 9.71
N LYS A 103 1.13 4.26 9.41
CA LYS A 103 0.14 5.28 9.04
C LYS A 103 0.53 5.99 7.76
N TYR A 104 -0.45 6.25 6.90
CA TYR A 104 -0.19 7.05 5.70
C TYR A 104 -1.48 7.77 5.27
N ILE A 105 -1.30 8.80 4.48
CA ILE A 105 -2.43 9.50 3.84
C ILE A 105 -2.68 8.90 2.47
N ASP A 106 -3.93 8.47 2.22
CA ASP A 106 -4.37 7.97 0.92
C ASP A 106 -4.76 9.13 0.03
N TYR A 107 -4.16 9.21 -1.15
CA TYR A 107 -4.41 10.31 -2.10
C TYR A 107 -5.12 9.85 -3.38
N ASP A 108 -6.10 8.96 -3.20
CA ASP A 108 -7.21 8.68 -4.16
C ASP A 108 -6.77 7.85 -5.37
N LEU A 109 -5.78 8.32 -6.12
CA LEU A 109 -5.26 7.63 -7.30
C LEU A 109 -4.74 6.27 -6.90
N ASP A 110 -5.03 5.25 -7.69
CA ASP A 110 -4.41 3.94 -7.45
C ASP A 110 -4.18 3.28 -8.80
N ILE A 111 -3.30 2.30 -8.81
CA ILE A 111 -2.98 1.56 -10.05
C ILE A 111 -3.19 0.10 -9.79
N LYS A 112 -3.99 -0.53 -10.65
CA LYS A 112 -4.17 -2.01 -10.64
C LYS A 112 -3.24 -2.63 -11.68
N VAL A 113 -2.50 -3.63 -11.24
CA VAL A 113 -1.59 -4.40 -12.15
C VAL A 113 -2.16 -5.81 -12.20
N TYR A 114 -2.39 -6.27 -13.44
CA TYR A 114 -2.89 -7.62 -13.74
C TYR A 114 -1.72 -8.62 -13.72
N PRO A 115 -2.02 -9.93 -13.69
CA PRO A 115 -0.95 -10.92 -13.62
C PRO A 115 0.12 -10.86 -14.72
N ASN A 116 -0.27 -10.38 -15.88
CA ASN A 116 0.69 -10.29 -16.98
C ASN A 116 1.38 -8.93 -17.03
N GLY A 117 1.21 -8.07 -16.02
CA GLY A 117 1.95 -6.82 -15.87
C GLY A 117 1.27 -5.58 -16.41
N LYS A 118 0.25 -5.75 -17.20
CA LYS A 118 -0.62 -4.63 -17.68
C LYS A 118 -1.14 -3.84 -16.49
N TYR A 119 -1.16 -2.52 -16.59
CA TYR A 119 -1.66 -1.68 -15.47
C TYR A 119 -2.74 -0.76 -15.97
N HIS A 120 -3.64 -0.41 -15.05
CA HIS A 120 -4.69 0.59 -15.25
C HIS A 120 -4.58 1.64 -14.15
N LEU A 121 -4.63 2.89 -14.54
CA LEU A 121 -4.70 4.02 -13.58
C LEU A 121 -6.16 4.23 -13.19
N LEU A 122 -6.44 4.20 -11.89
CA LEU A 122 -7.79 4.24 -11.32
C LEU A 122 -8.02 5.56 -10.62
N ASP A 123 -9.27 5.96 -10.54
CA ASP A 123 -9.77 7.00 -9.60
C ASP A 123 -9.24 8.39 -9.95
N GLU A 124 -9.00 8.71 -11.23
CA GLU A 124 -8.55 10.05 -11.64
C GLU A 124 -9.65 11.08 -11.35
N ASP A 125 -10.90 10.72 -11.62
CA ASP A 125 -12.09 11.55 -11.28
C ASP A 125 -12.22 11.80 -9.78
N GLU A 126 -12.02 10.79 -8.96
CA GLU A 126 -12.15 10.90 -7.51
C GLU A 126 -11.04 11.83 -7.02
N TYR A 127 -9.86 11.66 -7.60
CA TYR A 127 -8.71 12.51 -7.21
C TYR A 127 -9.05 13.97 -7.50
N GLU A 128 -9.56 14.26 -8.69
CA GLU A 128 -9.85 15.66 -9.03
C GLU A 128 -10.88 16.23 -8.06
N GLN A 129 -11.92 15.46 -7.75
CA GLN A 129 -12.99 15.95 -6.86
C GLN A 129 -12.43 16.16 -5.46
N HIS A 130 -11.68 15.18 -4.95
CA HIS A 130 -11.19 15.27 -3.57
C HIS A 130 -10.15 16.39 -3.46
N MET A 131 -9.35 16.59 -4.52
CA MET A 131 -8.30 17.64 -4.47
C MET A 131 -9.00 19.01 -4.34
N ASN A 132 -10.12 19.20 -5.01
CA ASN A 132 -10.89 20.46 -4.89
C ASN A 132 -11.57 20.53 -3.52
N GLN A 133 -12.22 19.46 -3.07
CA GLN A 133 -12.97 19.40 -1.78
C GLN A 133 -12.05 19.68 -0.60
N MET A 134 -10.87 19.05 -0.57
CA MET A 134 -9.94 19.09 0.59
C MET A 134 -8.77 20.03 0.31
N ASN A 135 -8.76 20.71 -0.84
CA ASN A 135 -7.77 21.79 -1.12
C ASN A 135 -6.36 21.24 -1.01
N TYR A 136 -6.05 20.20 -1.76
CA TYR A 136 -4.65 19.70 -1.81
C TYR A 136 -3.77 20.80 -2.36
N PRO A 137 -2.65 21.11 -1.66
CA PRO A 137 -1.74 22.10 -2.20
C PRO A 137 -1.12 21.70 -3.54
N HIS A 138 -0.75 22.73 -4.32
CA HIS A 138 -0.16 22.49 -5.64
C HIS A 138 1.02 21.54 -5.54
N ASP A 139 1.89 21.71 -4.54
CA ASP A 139 3.10 20.84 -4.47
C ASP A 139 2.71 19.39 -4.29
N ILE A 140 1.65 19.12 -3.53
CA ILE A 140 1.19 17.71 -3.37
C ILE A 140 0.68 17.18 -4.71
N ASP A 141 -0.05 18.01 -5.46
CA ASP A 141 -0.52 17.61 -6.80
C ASP A 141 0.69 17.27 -7.69
N ILE A 142 1.71 18.14 -7.70
CA ILE A 142 2.92 17.87 -8.53
C ILE A 142 3.58 16.57 -8.10
N ILE A 143 3.75 16.36 -6.80
CA ILE A 143 4.42 15.16 -6.25
C ILE A 143 3.62 13.91 -6.65
N LEU A 144 2.31 13.96 -6.47
CA LEU A 144 1.48 12.77 -6.77
C LEU A 144 1.54 12.44 -8.25
N ARG A 145 1.38 13.44 -9.13
CA ARG A 145 1.47 13.17 -10.59
C ARG A 145 2.85 12.61 -10.95
N ARG A 146 3.91 13.13 -10.36
CA ARG A 146 5.25 12.58 -10.61
C ARG A 146 5.33 11.14 -10.13
N ASN A 147 4.74 10.84 -8.98
CA ASN A 147 4.86 9.47 -8.43
C ASN A 147 3.96 8.48 -9.21
N VAL A 148 2.91 8.93 -9.84
CA VAL A 148 2.16 8.08 -10.80
C VAL A 148 3.15 7.67 -11.88
N ASP A 149 3.87 8.62 -12.43
CA ASP A 149 4.83 8.29 -13.52
C ASP A 149 5.93 7.35 -13.02
N ILE A 150 6.50 7.61 -11.84
CA ILE A 150 7.52 6.72 -11.23
C ILE A 150 6.94 5.31 -11.08
N LEU A 151 5.76 5.17 -10.50
CA LEU A 151 5.13 3.86 -10.31
C LEU A 151 4.97 3.12 -11.64
N GLN A 152 4.48 3.81 -12.67
CA GLN A 152 4.35 3.16 -14.00
C GLN A 152 5.72 2.65 -14.48
N GLN A 153 6.78 3.46 -14.32
CA GLN A 153 8.12 3.07 -14.75
C GLN A 153 8.61 1.86 -13.93
N TRP A 154 8.33 1.81 -12.63
CA TRP A 154 8.71 0.66 -11.78
C TRP A 154 7.99 -0.60 -12.27
N ILE A 155 6.72 -0.48 -12.59
CA ILE A 155 5.92 -1.62 -13.12
C ILE A 155 6.56 -2.13 -14.42
N GLU A 156 6.90 -1.22 -15.33
CA GLU A 156 7.48 -1.57 -16.65
C GLU A 156 8.87 -2.16 -16.43
N GLN A 157 9.63 -1.71 -15.44
CA GLN A 157 10.99 -2.25 -15.17
C GLN A 157 10.94 -3.53 -14.34
N LYS A 158 9.79 -3.93 -13.79
CA LYS A 158 9.70 -4.98 -12.74
C LYS A 158 10.69 -4.65 -11.60
N LYS A 159 10.62 -3.44 -11.10
CA LYS A 159 11.51 -2.89 -10.04
C LYS A 159 10.83 -3.07 -8.67
N GLY A 160 11.62 -3.23 -7.61
CA GLY A 160 11.10 -3.24 -6.23
C GLY A 160 10.07 -4.36 -6.04
N PRO A 161 8.83 -4.06 -5.59
CA PRO A 161 7.88 -5.13 -5.36
C PRO A 161 7.35 -5.82 -6.62
N PHE A 162 7.61 -5.21 -7.77
CA PHE A 162 7.19 -5.73 -9.07
C PHE A 162 8.21 -6.74 -9.64
N ALA A 163 9.33 -6.95 -8.94
CA ALA A 163 10.34 -7.95 -9.37
C ALA A 163 9.83 -9.37 -9.10
N PRO A 164 9.89 -10.31 -10.04
CA PRO A 164 9.50 -11.69 -9.72
C PRO A 164 10.32 -12.29 -8.57
N ASP A 165 11.57 -11.91 -8.39
CA ASP A 165 12.39 -12.45 -7.29
C ASP A 165 11.90 -11.86 -5.95
N PHE A 166 11.40 -10.63 -5.96
CA PHE A 166 10.82 -10.04 -4.72
C PHE A 166 9.67 -10.92 -4.26
N ILE A 167 8.78 -11.29 -5.15
CA ILE A 167 7.58 -12.12 -4.87
C ILE A 167 8.02 -13.50 -4.38
N LYS A 168 9.01 -14.11 -5.04
CA LYS A 168 9.47 -15.46 -4.63
C LYS A 168 10.01 -15.39 -3.22
N VAL A 169 10.85 -14.41 -2.92
CA VAL A 169 11.49 -14.30 -1.59
C VAL A 169 10.42 -14.04 -0.52
N TRP A 170 9.64 -12.99 -0.67
CA TRP A 170 8.75 -12.58 0.44
C TRP A 170 7.52 -13.47 0.56
N LYS A 171 6.99 -14.03 -0.52
CA LYS A 171 5.86 -14.99 -0.46
C LYS A 171 6.28 -16.21 0.38
N GLU A 172 7.51 -16.69 0.17
CA GLU A 172 7.98 -17.88 0.92
C GLU A 172 8.31 -17.45 2.35
N ARG A 173 8.87 -16.27 2.59
CA ARG A 173 9.18 -15.82 3.97
C ARG A 173 7.85 -15.76 4.76
N TYR A 174 6.82 -15.20 4.15
CA TYR A 174 5.52 -15.05 4.84
C TYR A 174 4.89 -16.44 5.08
N LYS A 175 4.93 -17.32 4.08
CA LYS A 175 4.35 -18.68 4.20
C LYS A 175 5.00 -19.37 5.42
N LYS A 176 6.29 -19.16 5.68
CA LYS A 176 6.99 -19.86 6.80
C LYS A 176 6.54 -19.23 8.13
N ILE A 177 6.63 -17.91 8.26
CA ILE A 177 6.36 -17.22 9.55
C ILE A 177 4.86 -17.36 9.91
N ARG A 178 3.96 -17.63 8.97
CA ARG A 178 2.49 -17.72 9.28
C ARG A 178 2.11 -19.17 9.55
#